data_8OVQ
#
_entry.id   8OVQ
#
_cell.length_a   33.080
_cell.length_b   41.160
_cell.length_c   77.801
_cell.angle_alpha   90.000
_cell.angle_beta   90.009
_cell.angle_gamma   90.000
#
_symmetry.space_group_name_H-M   'P 1 21 1'
#
loop_
_entity.id
_entity.type
_entity.pdbx_description
1 polymer 'Cell recognition molecule, long form'
2 non-polymer 2-acetamido-2-deoxy-beta-D-glucopyranose
3 non-polymer 1,2-ETHANEDIOL
4 non-polymer 'SULFATE ION'
5 water water
#
_entity_poly.entity_id   1
_entity_poly.type   'polypeptide(L)'
_entity_poly.pdbx_seq_one_letter_code
;GPTPPSLTLSSPPPTGLPVSPDLSQPHSVTLTCSAASPPARGYQYQWQWRRNGTLLSNTHTRFSITPSTNTQSSSLVISG
LRYSDAGDYMCTVEYGVCPDGVDCSGTTPVTGNIHLDLPLIVEVDSSGLVAREGSEVVVLTCEVYGYPRDSSPPMWSSPG
RNLESGRFNITPRYTGTLSNGSVSSSDKVALSQLTIFNVTVADEGEYTCSVAGESASFRVDIGGSNSSGSNS
;
_entity_poly.pdbx_strand_id   A
#
loop_
_chem_comp.id
_chem_comp.type
_chem_comp.name
_chem_comp.formula
EDO non-polymer 1,2-ETHANEDIOL 'C2 H6 O2'
NAG D-saccharide, beta linking 2-acetamido-2-deoxy-beta-D-glucopyranose 'C8 H15 N O6'
SO4 non-polymer 'SULFATE ION' 'O4 S -2'
#
# COMPACT_ATOMS: atom_id res chain seq x y z
N THR A 3 31.49 -24.54 -6.04
CA THR A 3 32.05 -24.47 -4.67
C THR A 3 31.28 -23.48 -3.79
N PRO A 4 30.55 -22.45 -4.31
CA PRO A 4 30.02 -21.40 -3.44
C PRO A 4 28.79 -21.90 -2.70
N PRO A 5 28.46 -21.38 -1.50
CA PRO A 5 27.20 -21.72 -0.85
C PRO A 5 25.96 -21.51 -1.73
N SER A 6 24.91 -22.31 -1.51
CA SER A 6 23.65 -22.13 -2.22
C SER A 6 23.02 -20.78 -1.83
N LEU A 7 22.10 -20.28 -2.68
CA LEU A 7 21.45 -18.97 -2.47
C LEU A 7 19.97 -19.01 -2.90
N THR A 8 19.06 -18.77 -1.94
CA THR A 8 17.62 -18.78 -2.13
C THR A 8 17.03 -17.68 -1.26
N LEU A 9 15.73 -17.39 -1.44
CA LEU A 9 15.07 -16.36 -0.65
C LEU A 9 14.25 -17.04 0.45
N SER A 10 14.37 -16.53 1.68
CA SER A 10 13.41 -16.88 2.72
C SER A 10 12.11 -16.12 2.52
N SER A 11 12.23 -14.87 2.06
CA SER A 11 11.05 -14.03 1.83
C SER A 11 11.37 -13.06 0.71
N PRO A 12 10.47 -12.88 -0.28
CA PRO A 12 9.19 -13.58 -0.38
C PRO A 12 9.36 -15.06 -0.70
N PRO A 13 8.34 -15.87 -0.34
CA PRO A 13 8.30 -17.28 -0.78
C PRO A 13 7.84 -17.33 -2.23
N PRO A 14 7.79 -18.54 -2.82
CA PRO A 14 7.44 -18.67 -4.22
C PRO A 14 6.08 -18.11 -4.61
N THR A 15 5.14 -18.14 -3.66
CA THR A 15 3.81 -17.64 -3.91
C THR A 15 3.70 -16.12 -3.71
N GLY A 16 4.78 -15.43 -3.36
CA GLY A 16 4.76 -13.98 -3.18
C GLY A 16 4.42 -13.58 -1.76
N LEU A 17 4.61 -12.30 -1.48
CA LEU A 17 4.39 -11.72 -0.17
C LEU A 17 3.49 -10.50 -0.31
N PRO A 18 2.31 -10.52 0.33
CA PRO A 18 1.48 -9.31 0.39
C PRO A 18 2.01 -8.35 1.44
N VAL A 19 1.94 -7.08 1.09
CA VAL A 19 2.35 -6.01 2.01
C VAL A 19 1.29 -4.93 1.93
N SER A 20 0.96 -4.36 3.08
CA SER A 20 0.13 -3.17 3.07
C SER A 20 0.74 -2.14 4.01
N PRO A 21 0.57 -0.84 3.72
CA PRO A 21 1.18 0.21 4.54
C PRO A 21 0.53 0.37 5.92
N ASP A 22 1.21 1.14 6.77
CA ASP A 22 0.64 1.66 8.00
C ASP A 22 -0.26 2.82 7.60
N LEU A 23 -1.58 2.64 7.69
CA LEU A 23 -2.50 3.63 7.14
C LEU A 23 -2.51 4.92 7.99
N SER A 24 -1.94 4.91 9.18
CA SER A 24 -1.79 6.13 9.96
C SER A 24 -0.67 7.02 9.43
N GLN A 25 0.25 6.44 8.66
CA GLN A 25 1.38 7.12 8.05
C GLN A 25 1.54 6.65 6.61
N PRO A 26 0.53 6.97 5.78
CA PRO A 26 0.37 6.34 4.47
C PRO A 26 1.27 6.84 3.34
N HIS A 27 2.11 7.86 3.59
CA HIS A 27 2.87 8.51 2.53
C HIS A 27 4.01 7.64 2.03
N SER A 28 4.44 6.66 2.83
CA SER A 28 5.52 5.78 2.38
C SER A 28 5.27 4.37 2.87
N VAL A 29 5.91 3.40 2.21
CA VAL A 29 5.90 2.01 2.67
C VAL A 29 7.30 1.42 2.42
N THR A 30 7.66 0.45 3.24
CA THR A 30 8.94 -0.25 3.12
C THR A 30 8.65 -1.72 2.78
N LEU A 31 9.29 -2.20 1.69
CA LEU A 31 9.24 -3.57 1.24
C LEU A 31 10.61 -4.20 1.48
N THR A 32 10.63 -5.38 2.09
CA THR A 32 11.90 -6.02 2.41
C THR A 32 11.92 -7.45 1.87
N CYS A 33 13.06 -7.85 1.29
CA CYS A 33 13.30 -9.23 0.91
C CYS A 33 14.55 -9.73 1.63
N SER A 34 14.62 -11.04 1.87
CA SER A 34 15.75 -11.62 2.61
C SER A 34 16.17 -12.93 1.96
N ALA A 35 17.46 -13.08 1.77
CA ALA A 35 18.03 -14.39 1.44
C ALA A 35 17.97 -15.29 2.67
N ALA A 36 17.91 -16.61 2.43
CA ALA A 36 17.73 -17.58 3.49
C ALA A 36 18.95 -17.68 4.41
N SER A 37 20.15 -17.43 3.87
CA SER A 37 21.37 -17.52 4.65
CA SER A 37 21.39 -17.54 4.62
C SER A 37 22.23 -16.29 4.41
N PRO A 38 23.03 -15.86 5.40
CA PRO A 38 23.95 -14.74 5.21
C PRO A 38 25.09 -15.22 4.33
N PRO A 39 25.77 -14.30 3.63
CA PRO A 39 26.95 -14.69 2.87
C PRO A 39 28.05 -15.22 3.80
N ALA A 40 28.85 -16.18 3.30
CA ALA A 40 30.04 -16.63 4.00
C ALA A 40 31.11 -15.53 4.01
N ARG A 41 32.11 -15.63 4.88
CA ARG A 41 33.19 -14.65 4.90
C ARG A 41 33.83 -14.60 3.50
N GLY A 42 33.98 -13.36 3.02
CA GLY A 42 34.58 -13.12 1.73
C GLY A 42 33.56 -12.95 0.61
N TYR A 43 32.27 -13.20 0.90
CA TYR A 43 31.22 -13.08 -0.09
C TYR A 43 30.27 -11.94 0.25
N GLN A 44 29.61 -11.41 -0.78
CA GLN A 44 28.53 -10.43 -0.62
C GLN A 44 27.43 -10.74 -1.61
N TYR A 45 26.21 -10.33 -1.26
CA TYR A 45 25.11 -10.39 -2.20
C TYR A 45 24.87 -9.00 -2.79
N GLN A 46 24.27 -9.01 -3.97
CA GLN A 46 23.84 -7.79 -4.64
C GLN A 46 22.37 -7.95 -5.01
N TRP A 47 21.59 -6.87 -4.86
CA TRP A 47 20.16 -6.93 -5.11
C TRP A 47 19.74 -6.01 -6.26
N GLN A 48 18.64 -6.39 -6.92
CA GLN A 48 17.97 -5.55 -7.89
C GLN A 48 16.49 -5.50 -7.57
N TRP A 49 15.90 -4.31 -7.75
CA TRP A 49 14.47 -4.15 -7.61
C TRP A 49 13.85 -3.69 -8.92
N ARG A 50 12.70 -4.23 -9.28
CA ARG A 50 12.00 -3.86 -10.49
C ARG A 50 10.53 -3.56 -10.17
N ARG A 51 9.97 -2.65 -10.98
CA ARG A 51 8.56 -2.33 -10.99
C ARG A 51 8.18 -2.10 -12.46
N ASN A 52 7.12 -2.72 -12.94
CA ASN A 52 6.64 -2.42 -14.30
C ASN A 52 7.72 -2.71 -15.34
N GLY A 53 8.45 -3.81 -15.12
CA GLY A 53 9.41 -4.33 -16.09
C GLY A 53 10.76 -3.64 -15.97
N THR A 54 10.86 -2.65 -15.08
CA THR A 54 11.86 -1.60 -15.12
C THR A 54 12.71 -1.64 -13.84
N LEU A 55 14.04 -1.58 -14.02
CA LEU A 55 14.96 -1.57 -12.89
C LEU A 55 14.77 -0.24 -12.15
N LEU A 56 14.65 -0.33 -10.82
CA LEU A 56 14.70 0.81 -9.90
C LEU A 56 16.13 1.04 -9.43
N SER A 57 16.45 2.30 -9.13
CA SER A 57 17.70 2.69 -8.53
C SER A 57 17.48 3.93 -7.68
N ASN A 58 18.50 4.27 -6.92
CA ASN A 58 18.43 5.44 -6.06
C ASN A 58 18.44 6.77 -6.81
N THR A 59 18.61 6.81 -8.13
CA THR A 59 18.48 8.04 -8.88
C THR A 59 17.02 8.44 -9.00
N HIS A 60 16.10 7.52 -8.71
CA HIS A 60 14.67 7.78 -8.79
C HIS A 60 14.23 8.56 -7.54
N THR A 61 13.39 9.55 -7.77
CA THR A 61 12.94 10.41 -6.68
C THR A 61 12.23 9.62 -5.58
N ARG A 62 11.25 8.77 -5.94
CA ARG A 62 10.35 8.22 -4.93
C ARG A 62 10.75 6.83 -4.44
N PHE A 63 11.90 6.36 -4.89
CA PHE A 63 12.31 5.01 -4.58
C PHE A 63 13.70 5.05 -3.98
N SER A 64 13.87 4.36 -2.86
CA SER A 64 15.10 4.32 -2.10
CA SER A 64 15.15 4.30 -2.18
C SER A 64 15.41 2.87 -1.74
N ILE A 65 16.61 2.36 -2.14
CA ILE A 65 17.02 0.98 -1.87
C ILE A 65 18.17 0.95 -0.88
N THR A 66 18.07 0.09 0.13
CA THR A 66 19.09 -0.02 1.16
C THR A 66 19.35 -1.49 1.49
N PRO A 67 20.60 -1.99 1.39
CA PRO A 67 20.91 -3.34 1.86
C PRO A 67 21.13 -3.35 3.35
N SER A 68 20.99 -4.53 3.93
CA SER A 68 21.46 -4.76 5.27
C SER A 68 22.98 -4.72 5.27
N THR A 69 23.52 -4.56 6.49
CA THR A 69 24.96 -4.53 6.66
C THR A 69 25.61 -5.75 6.02
N ASN A 70 25.07 -6.94 6.27
CA ASN A 70 25.66 -8.18 5.75
C ASN A 70 25.20 -8.54 4.34
N THR A 71 24.32 -7.73 3.73
CA THR A 71 23.72 -7.88 2.41
C THR A 71 22.69 -9.00 2.29
N GLN A 72 22.35 -9.68 3.39
CA GLN A 72 21.38 -10.77 3.36
C GLN A 72 19.98 -10.25 3.02
N SER A 73 19.68 -8.99 3.36
CA SER A 73 18.39 -8.40 3.07
C SER A 73 18.56 -7.11 2.27
N SER A 74 17.44 -6.69 1.67
CA SER A 74 17.35 -5.40 0.99
C SER A 74 15.95 -4.82 1.17
N SER A 75 15.87 -3.50 1.38
CA SER A 75 14.58 -2.85 1.54
C SER A 75 14.44 -1.77 0.45
N LEU A 76 13.24 -1.66 -0.08
CA LEU A 76 12.84 -0.59 -0.95
C LEU A 76 11.83 0.26 -0.18
N VAL A 77 12.12 1.55 -0.05
CA VAL A 77 11.15 2.51 0.46
C VAL A 77 10.54 3.29 -0.71
N ILE A 78 9.19 3.22 -0.82
CA ILE A 78 8.44 3.99 -1.80
C ILE A 78 7.83 5.18 -1.06
N SER A 79 8.09 6.39 -1.55
CA SER A 79 7.64 7.62 -0.95
CA SER A 79 7.57 7.58 -0.92
C SER A 79 6.63 8.30 -1.88
N GLY A 80 5.90 9.27 -1.36
CA GLY A 80 4.88 9.92 -2.17
C GLY A 80 3.83 8.95 -2.70
N LEU A 81 3.46 7.96 -1.87
CA LEU A 81 2.65 6.85 -2.34
C LEU A 81 1.29 7.31 -2.87
N ARG A 82 0.83 6.65 -3.91
CA ARG A 82 -0.51 6.85 -4.41
C ARG A 82 -0.98 5.54 -5.01
N TYR A 83 -2.27 5.46 -5.32
CA TYR A 83 -2.92 4.21 -5.66
C TYR A 83 -2.18 3.51 -6.81
N SER A 84 -1.68 4.28 -7.78
CA SER A 84 -1.06 3.70 -8.97
C SER A 84 0.24 2.98 -8.63
N ASP A 85 0.77 3.15 -7.41
CA ASP A 85 1.94 2.38 -6.96
C ASP A 85 1.62 0.95 -6.54
N ALA A 86 0.32 0.62 -6.43
CA ALA A 86 -0.09 -0.70 -6.01
C ALA A 86 0.32 -1.76 -7.03
N GLY A 87 0.47 -2.99 -6.53
CA GLY A 87 0.72 -4.15 -7.36
C GLY A 87 2.09 -4.74 -7.10
N ASP A 88 2.63 -5.35 -8.15
CA ASP A 88 3.81 -6.18 -7.99
C ASP A 88 5.11 -5.38 -8.06
N TYR A 89 6.03 -5.79 -7.18
CA TYR A 89 7.42 -5.38 -7.16
C TYR A 89 8.27 -6.65 -7.08
N MET A 90 9.39 -6.65 -7.78
CA MET A 90 10.25 -7.82 -7.84
CA MET A 90 10.23 -7.82 -7.83
C MET A 90 11.59 -7.49 -7.24
N CYS A 91 12.07 -8.38 -6.36
CA CYS A 91 13.37 -8.25 -5.75
C CYS A 91 14.20 -9.47 -6.17
N THR A 92 15.41 -9.23 -6.62
CA THR A 92 16.28 -10.26 -7.15
C THR A 92 17.59 -10.18 -6.38
N VAL A 93 18.06 -11.34 -5.90
CA VAL A 93 19.35 -11.41 -5.24
C VAL A 93 20.27 -12.31 -6.07
N GLU A 94 21.56 -11.96 -6.03
CA GLU A 94 22.62 -12.73 -6.70
C GLU A 94 23.90 -12.53 -5.90
N TYR A 95 24.93 -13.32 -6.21
CA TYR A 95 26.24 -13.05 -5.64
C TYR A 95 26.77 -11.76 -6.24
N GLY A 96 27.22 -10.87 -5.34
CA GLY A 96 27.86 -9.66 -5.78
C GLY A 96 29.39 -9.72 -5.75
N VAL A 97 29.91 -10.41 -4.74
CA VAL A 97 31.35 -10.61 -4.53
C VAL A 97 31.54 -12.07 -4.12
N CYS A 98 32.60 -12.67 -4.68
CA CYS A 98 33.00 -14.04 -4.40
CA CYS A 98 33.02 -13.99 -4.25
CA CYS A 98 33.00 -14.07 -4.56
C CYS A 98 34.52 -14.09 -4.39
N PRO A 99 35.12 -14.87 -3.50
CA PRO A 99 36.58 -14.97 -3.49
C PRO A 99 37.16 -15.44 -4.82
N ASP A 100 38.37 -14.96 -5.12
CA ASP A 100 39.14 -15.47 -6.24
C ASP A 100 39.26 -16.97 -6.09
N GLY A 101 39.06 -17.69 -7.20
CA GLY A 101 39.15 -19.13 -7.26
C GLY A 101 37.87 -19.88 -6.89
N VAL A 102 36.80 -19.12 -6.59
CA VAL A 102 35.48 -19.70 -6.43
C VAL A 102 34.68 -19.27 -7.65
N ASP A 103 33.96 -20.22 -8.26
CA ASP A 103 33.14 -19.91 -9.42
C ASP A 103 31.68 -19.72 -9.00
N CYS A 104 31.24 -18.44 -9.00
CA CYS A 104 29.87 -18.05 -8.69
C CYS A 104 29.01 -17.87 -9.93
N SER A 105 29.57 -18.07 -11.13
CA SER A 105 28.90 -17.69 -12.37
C SER A 105 27.81 -18.71 -12.73
N GLY A 106 27.85 -19.87 -12.07
CA GLY A 106 26.86 -20.90 -12.29
C GLY A 106 25.62 -20.70 -11.42
N THR A 107 25.72 -19.81 -10.40
CA THR A 107 24.63 -19.60 -9.46
C THR A 107 23.62 -18.72 -10.15
N THR A 108 22.34 -19.12 -10.12
CA THR A 108 21.29 -18.40 -10.82
C THR A 108 20.68 -17.33 -9.91
N PRO A 109 20.45 -16.07 -10.35
CA PRO A 109 19.81 -15.08 -9.47
C PRO A 109 18.42 -15.59 -9.09
N VAL A 110 17.94 -15.21 -7.89
CA VAL A 110 16.62 -15.64 -7.45
CA VAL A 110 16.64 -15.63 -7.41
C VAL A 110 15.76 -14.40 -7.25
N THR A 111 14.54 -14.46 -7.81
CA THR A 111 13.63 -13.32 -7.76
C THR A 111 12.36 -13.65 -6.99
N GLY A 112 11.94 -12.75 -6.07
CA GLY A 112 10.66 -12.84 -5.41
C GLY A 112 9.72 -11.71 -5.81
N ASN A 113 8.43 -11.97 -5.58
CA ASN A 113 7.40 -10.99 -5.86
C ASN A 113 6.74 -10.52 -4.56
N ILE A 114 6.66 -9.19 -4.45
CA ILE A 114 5.92 -8.54 -3.38
C ILE A 114 4.68 -7.93 -3.99
N HIS A 115 3.53 -8.14 -3.34
CA HIS A 115 2.30 -7.56 -3.83
C HIS A 115 1.89 -6.45 -2.86
N LEU A 116 2.00 -5.20 -3.30
CA LEU A 116 1.67 -4.05 -2.46
C LEU A 116 0.19 -3.72 -2.61
N ASP A 117 -0.54 -3.85 -1.49
CA ASP A 117 -1.96 -3.58 -1.44
C ASP A 117 -2.13 -2.17 -0.89
N LEU A 118 -2.83 -1.30 -1.63
CA LEU A 118 -3.10 0.07 -1.21
C LEU A 118 -4.60 0.24 -1.16
N PRO A 119 -5.21 0.04 0.02
CA PRO A 119 -6.67 0.06 0.11
C PRO A 119 -7.25 1.47 0.14
N LEU A 120 -8.55 1.51 -0.13
CA LEU A 120 -9.37 2.69 0.10
C LEU A 120 -10.51 2.24 0.99
N ILE A 121 -10.60 2.88 2.16
CA ILE A 121 -11.60 2.55 3.15
C ILE A 121 -12.58 3.73 3.28
N VAL A 122 -13.86 3.38 3.24
CA VAL A 122 -14.96 4.33 3.41
C VAL A 122 -15.53 4.08 4.81
N GLU A 123 -16.00 5.16 5.43
CA GLU A 123 -16.61 5.14 6.74
C GLU A 123 -17.80 6.09 6.70
N VAL A 124 -18.95 5.70 7.28
CA VAL A 124 -20.07 6.61 7.45
C VAL A 124 -20.26 6.84 8.94
N ASP A 125 -20.09 8.11 9.36
CA ASP A 125 -20.16 8.51 10.75
C ASP A 125 -21.42 9.34 10.96
N SER A 126 -21.95 9.31 12.19
CA SER A 126 -23.19 9.98 12.52
C SER A 126 -22.99 11.01 13.63
N SER A 127 -23.75 12.12 13.53
CA SER A 127 -23.88 13.12 14.56
C SER A 127 -24.67 12.61 15.76
N GLY A 128 -25.47 11.54 15.59
CA GLY A 128 -26.59 11.29 16.49
C GLY A 128 -27.77 12.19 16.12
N LEU A 129 -28.94 11.98 16.73
CA LEU A 129 -30.06 12.91 16.55
C LEU A 129 -29.74 14.18 17.33
N VAL A 130 -29.81 15.34 16.66
CA VAL A 130 -29.51 16.61 17.30
C VAL A 130 -30.48 17.68 16.79
N ALA A 131 -30.62 18.74 17.61
CA ALA A 131 -31.35 19.93 17.24
C ALA A 131 -30.38 20.96 16.66
N ARG A 132 -30.62 21.35 15.40
CA ARG A 132 -29.94 22.50 14.82
C ARG A 132 -30.99 23.53 14.39
N GLU A 136 -34.65 16.88 15.53
CA GLU A 136 -35.06 17.33 14.17
C GLU A 136 -34.16 16.72 13.09
N VAL A 137 -32.95 16.26 13.43
CA VAL A 137 -31.90 16.13 12.41
C VAL A 137 -30.83 15.08 12.76
N VAL A 138 -30.45 14.28 11.74
CA VAL A 138 -29.27 13.43 11.75
C VAL A 138 -28.36 13.82 10.59
N VAL A 139 -27.06 14.00 10.89
CA VAL A 139 -26.07 14.29 9.86
C VAL A 139 -25.12 13.10 9.79
N LEU A 140 -25.10 12.49 8.61
CA LEU A 140 -24.16 11.44 8.26
C LEU A 140 -23.04 12.00 7.41
N THR A 141 -21.81 11.61 7.74
CA THR A 141 -20.64 12.06 7.00
C THR A 141 -19.93 10.85 6.39
N CYS A 142 -19.71 10.93 5.08
CA CYS A 142 -18.93 9.95 4.37
C CYS A 142 -17.48 10.41 4.40
N GLU A 143 -16.60 9.57 4.98
CA GLU A 143 -15.19 9.86 5.11
C GLU A 143 -14.40 8.74 4.44
N VAL A 144 -13.20 9.05 3.97
CA VAL A 144 -12.33 8.05 3.40
C VAL A 144 -10.94 8.19 4.00
N TYR A 145 -10.18 7.08 3.91
CA TYR A 145 -8.76 7.11 4.16
C TYR A 145 -8.12 5.99 3.33
N GLY A 146 -6.80 6.06 3.20
CA GLY A 146 -6.08 5.15 2.32
C GLY A 146 -5.66 5.86 1.04
N TYR A 147 -5.93 5.20 -0.10
CA TYR A 147 -5.37 5.55 -1.39
C TYR A 147 -6.46 5.69 -2.44
N PRO A 148 -7.06 6.89 -2.55
CA PRO A 148 -8.16 7.10 -3.49
C PRO A 148 -7.68 6.81 -4.93
N ARG A 149 -8.55 6.17 -5.72
CA ARG A 149 -8.19 5.59 -7.00
C ARG A 149 -8.46 6.57 -8.14
N ASP A 150 -9.49 7.38 -7.98
CA ASP A 150 -9.97 8.23 -9.07
C ASP A 150 -10.73 9.39 -8.44
N SER A 151 -11.47 10.14 -9.26
CA SER A 151 -12.16 11.35 -8.78
C SER A 151 -13.64 11.10 -8.55
N SER A 152 -14.06 9.82 -8.53
CA SER A 152 -15.48 9.49 -8.43
C SER A 152 -16.06 10.10 -7.16
N PRO A 153 -17.03 11.04 -7.28
CA PRO A 153 -17.77 11.54 -6.12
C PRO A 153 -18.41 10.41 -5.28
N PRO A 154 -18.63 10.58 -3.96
CA PRO A 154 -19.40 9.61 -3.20
C PRO A 154 -20.84 9.58 -3.65
N MET A 155 -21.43 8.39 -3.70
CA MET A 155 -22.85 8.24 -4.00
C MET A 155 -23.53 7.64 -2.77
N TRP A 156 -24.55 8.34 -2.28
CA TRP A 156 -25.34 7.88 -1.16
C TRP A 156 -26.48 6.97 -1.62
N SER A 157 -26.79 5.93 -0.83
CA SER A 157 -27.92 5.06 -1.12
C SER A 157 -28.56 4.59 0.18
N SER A 158 -29.80 4.14 0.02
CA SER A 158 -30.66 3.66 1.08
C SER A 158 -31.83 3.02 0.37
N PRO A 159 -32.18 1.73 0.62
CA PRO A 159 -33.33 1.10 -0.02
C PRO A 159 -34.61 1.94 0.05
N GLY A 160 -35.23 2.19 -1.11
CA GLY A 160 -36.20 3.26 -1.25
C GLY A 160 -35.49 4.63 -1.32
N ARG A 161 -36.26 5.72 -1.32
CA ARG A 161 -35.73 7.06 -1.11
C ARG A 161 -34.95 7.51 -2.36
N PHE A 168 -34.17 15.43 3.31
CA PHE A 168 -32.80 14.99 2.90
C PHE A 168 -32.07 16.10 2.16
N ASN A 169 -30.87 16.44 2.65
CA ASN A 169 -29.93 17.29 1.94
C ASN A 169 -28.56 16.61 1.83
N ILE A 170 -28.01 16.63 0.61
CA ILE A 170 -26.65 16.19 0.38
C ILE A 170 -25.81 17.44 0.16
N THR A 171 -24.86 17.64 1.07
CA THR A 171 -23.89 18.72 0.94
C THR A 171 -22.54 18.07 0.61
N PRO A 172 -21.98 18.24 -0.61
CA PRO A 172 -20.57 17.96 -0.85
C PRO A 172 -19.69 18.63 0.21
N ARG A 173 -18.68 17.91 0.71
CA ARG A 173 -17.74 18.48 1.66
C ARG A 173 -16.44 18.75 0.91
N TYR A 174 -15.54 17.79 0.86
CA TYR A 174 -14.31 17.95 0.10
C TYR A 174 -14.51 17.34 -1.29
N THR A 175 -14.30 18.14 -2.35
CA THR A 175 -14.61 17.74 -3.71
C THR A 175 -13.39 17.72 -4.64
N GLY A 176 -12.19 17.97 -4.11
CA GLY A 176 -10.96 18.02 -4.90
C GLY A 176 -10.35 16.63 -5.12
N THR A 177 -9.25 16.57 -5.90
CA THR A 177 -8.65 15.31 -6.28
C THR A 177 -7.73 14.75 -5.20
N LEU A 178 -7.93 13.47 -4.87
CA LEU A 178 -7.09 12.84 -3.87
C LEU A 178 -6.23 11.71 -4.45
N SER A 179 -6.35 11.40 -5.75
CA SER A 179 -5.76 10.19 -6.31
C SER A 179 -4.27 10.33 -6.62
N ASN A 180 -3.66 11.49 -6.38
CA ASN A 180 -2.23 11.70 -6.60
C ASN A 180 -1.49 11.54 -5.27
N GLY A 181 -2.20 11.08 -4.24
CA GLY A 181 -1.60 10.95 -2.92
C GLY A 181 -2.41 10.01 -2.02
N SER A 182 -2.29 10.20 -0.72
CA SER A 182 -2.89 9.31 0.26
C SER A 182 -3.55 10.11 1.36
N VAL A 183 -4.31 9.40 2.20
CA VAL A 183 -5.07 9.98 3.28
C VAL A 183 -4.86 9.12 4.51
N SER A 184 -4.36 9.73 5.57
CA SER A 184 -4.12 9.05 6.84
C SER A 184 -5.42 8.60 7.48
N SER A 185 -5.37 7.42 8.12
CA SER A 185 -6.48 6.93 8.94
C SER A 185 -6.74 7.81 10.17
N SER A 186 -5.78 8.64 10.57
CA SER A 186 -6.00 9.61 11.65
C SER A 186 -6.00 11.05 11.15
N ASP A 187 -6.28 11.20 9.84
CA ASP A 187 -6.60 12.49 9.25
C ASP A 187 -7.53 12.27 8.07
N LYS A 188 -8.69 11.67 8.39
CA LYS A 188 -9.61 11.22 7.37
C LYS A 188 -10.20 12.42 6.65
N VAL A 189 -10.62 12.20 5.41
CA VAL A 189 -11.21 13.24 4.61
C VAL A 189 -12.71 13.01 4.50
N ALA A 190 -13.47 14.06 4.87
CA ALA A 190 -14.92 14.04 4.70
C ALA A 190 -15.24 14.43 3.25
N LEU A 191 -15.97 13.56 2.54
CA LEU A 191 -16.30 13.80 1.15
C LEU A 191 -17.70 14.38 0.98
N SER A 192 -18.65 13.94 1.82
CA SER A 192 -20.06 14.30 1.65
C SER A 192 -20.81 14.16 2.97
N GLN A 193 -21.93 14.91 3.06
CA GLN A 193 -22.77 14.82 4.24
C GLN A 193 -24.22 14.71 3.78
N LEU A 194 -24.91 13.73 4.39
CA LEU A 194 -26.34 13.57 4.21
C LEU A 194 -26.99 14.05 5.49
N THR A 195 -27.82 15.11 5.34
CA THR A 195 -28.62 15.63 6.42
C THR A 195 -30.05 15.15 6.24
N ILE A 196 -30.58 14.53 7.30
CA ILE A 196 -31.98 14.13 7.34
C ILE A 196 -32.72 15.15 8.19
N PHE A 197 -33.64 15.89 7.56
CA PHE A 197 -34.54 16.81 8.23
C PHE A 197 -35.76 16.04 8.73
N ASN A 198 -36.00 16.08 10.05
CA ASN A 198 -36.92 15.16 10.74
C ASN A 198 -36.20 13.83 11.02
N VAL A 201 -38.85 8.31 12.70
CA VAL A 201 -39.00 6.82 12.79
C VAL A 201 -38.94 6.21 11.39
N ALA A 202 -39.69 6.79 10.43
CA ALA A 202 -39.76 6.28 9.06
C ALA A 202 -38.43 6.43 8.33
N ASP A 203 -37.50 7.21 8.88
CA ASP A 203 -36.21 7.44 8.26
C ASP A 203 -35.16 6.45 8.78
N GLU A 204 -35.56 5.59 9.71
CA GLU A 204 -34.65 4.60 10.25
C GLU A 204 -34.24 3.64 9.15
N GLY A 205 -33.01 3.10 9.24
CA GLY A 205 -32.52 2.11 8.29
C GLY A 205 -31.10 2.41 7.84
N GLU A 206 -30.63 1.62 6.86
CA GLU A 206 -29.26 1.65 6.38
C GLU A 206 -29.09 2.77 5.35
N TYR A 207 -28.08 3.60 5.58
CA TYR A 207 -27.62 4.56 4.61
C TYR A 207 -26.18 4.19 4.24
N THR A 208 -25.91 4.14 2.93
CA THR A 208 -24.63 3.69 2.41
C THR A 208 -23.98 4.80 1.59
N CYS A 209 -22.68 4.99 1.83
CA CYS A 209 -21.85 5.80 0.96
C CYS A 209 -20.94 4.87 0.15
N SER A 210 -20.95 5.07 -1.16
CA SER A 210 -20.15 4.29 -2.10
C SER A 210 -19.18 5.22 -2.81
N VAL A 211 -17.91 4.82 -2.82
CA VAL A 211 -16.86 5.59 -3.45
C VAL A 211 -16.07 4.60 -4.30
N ALA A 212 -16.22 4.73 -5.63
CA ALA A 212 -15.86 3.70 -6.59
C ALA A 212 -16.28 2.32 -6.10
N GLY A 213 -15.33 1.38 -5.97
CA GLY A 213 -15.66 -0.01 -5.67
C GLY A 213 -15.95 -0.26 -4.20
N GLU A 214 -15.81 0.76 -3.35
CA GLU A 214 -15.82 0.58 -1.91
C GLU A 214 -17.07 1.22 -1.32
N SER A 215 -17.49 0.75 -0.15
CA SER A 215 -18.65 1.31 0.50
C SER A 215 -18.64 1.00 1.99
N ALA A 216 -19.48 1.73 2.72
CA ALA A 216 -19.71 1.57 4.14
C ALA A 216 -21.12 2.08 4.42
N SER A 217 -21.68 1.63 5.55
CA SER A 217 -23.04 1.96 5.90
C SER A 217 -23.11 2.42 7.34
N PHE A 218 -24.21 3.13 7.64
CA PHE A 218 -24.59 3.45 8.99
C PHE A 218 -26.09 3.20 9.11
N ARG A 219 -26.45 2.48 10.18
CA ARG A 219 -27.84 2.15 10.47
C ARG A 219 -28.42 3.20 11.42
N VAL A 220 -29.32 4.03 10.87
CA VAL A 220 -29.96 5.10 11.61
C VAL A 220 -31.20 4.54 12.28
N ASP A 221 -31.26 4.65 13.62
CA ASP A 221 -32.32 4.05 14.42
C ASP A 221 -32.90 5.10 15.36
C1 NAG B . 3.23 1.23 -13.45
C2 NAG B . 3.29 2.76 -13.35
C3 NAG B . 1.93 3.31 -12.90
C4 NAG B . 0.85 2.88 -13.89
C5 NAG B . 0.87 1.35 -14.03
C6 NAG B . -0.01 0.86 -15.15
C7 NAG B . 4.58 3.04 -11.26
C8 NAG B . 5.83 3.66 -10.69
N2 NAG B . 4.35 3.32 -12.55
O3 NAG B . 2.05 4.72 -12.84
O4 NAG B . -0.43 3.30 -13.42
O5 NAG B . 2.20 0.88 -14.35
O6 NAG B . 0.38 1.46 -16.38
O7 NAG B . 3.82 2.32 -10.60
C1 EDO C . 22.54 -25.02 -7.81
O1 EDO C . 23.91 -25.17 -8.14
C2 EDO C . 21.80 -24.23 -8.81
O2 EDO C . 21.10 -25.01 -9.75
C1 EDO D . 4.94 10.26 6.19
O1 EDO D . 5.32 8.94 6.28
C2 EDO D . 3.49 10.41 6.45
O2 EDO D . 2.74 9.29 6.08
C1 EDO E . 11.45 -17.61 -5.60
O1 EDO E . 10.48 -18.59 -5.89
C2 EDO E . 11.05 -16.71 -4.49
O2 EDO E . 11.04 -17.36 -3.23
C1 EDO F . 14.45 -10.96 -12.99
O1 EDO F . 14.73 -11.62 -14.20
C2 EDO F . 13.11 -10.36 -13.02
O2 EDO F . 12.14 -11.29 -13.43
C1 EDO G . 18.70 12.66 -12.02
O1 EDO G . 18.99 11.29 -11.92
C2 EDO G . 18.06 13.04 -10.77
O2 EDO G . 18.18 12.05 -9.80
C1 EDO H . -0.22 -13.26 -1.96
O1 EDO H . 1.00 -13.46 -2.63
C2 EDO H . -0.51 -14.36 -1.01
O2 EDO H . -0.15 -15.68 -1.46
C1 EDO I . 6.12 -6.66 5.10
O1 EDO I . 6.19 -5.66 6.10
C2 EDO I . 7.43 -7.13 4.58
O2 EDO I . 8.29 -6.16 4.01
C1 EDO J . 22.86 -3.61 -3.96
O1 EDO J . 22.45 -4.70 -3.12
C2 EDO J . 22.78 -2.22 -3.38
O2 EDO J . 21.44 -1.81 -2.98
C1 EDO K . 5.91 11.97 0.76
O1 EDO K . 6.37 10.76 1.30
C2 EDO K . 4.47 12.22 0.92
O2 EDO K . 3.95 13.15 0.00
C1 EDO L . 0.99 11.02 8.31
O1 EDO L . 1.03 11.62 7.02
C2 EDO L . -0.26 11.27 9.08
O2 EDO L . -1.05 12.34 8.56
C1 EDO M . 10.50 8.15 -10.23
O1 EDO M . 9.69 9.10 -10.80
C2 EDO M . 10.58 8.27 -8.81
O2 EDO M . 9.77 9.17 -8.21
C1 EDO N . -2.19 13.17 5.88
O1 EDO N . -1.10 12.31 5.68
C2 EDO N . -3.26 12.89 4.95
O2 EDO N . -4.51 12.63 5.56
C1 EDO O . -9.33 11.17 12.11
O1 EDO O . -9.44 12.08 11.10
C2 EDO O . -10.61 11.32 12.60
O2 EDO O . -11.43 10.31 12.19
C1 EDO P . -3.43 1.10 10.22
O1 EDO P . -2.61 0.56 9.24
C2 EDO P . -2.72 1.25 11.52
O2 EDO P . -2.48 2.59 11.84
S SO4 Q . 19.90 -22.22 2.83
O1 SO4 Q . 18.75 -22.10 1.97
O2 SO4 Q . 19.51 -21.92 4.19
O3 SO4 Q . 20.41 -23.58 2.74
O4 SO4 Q . 20.91 -21.28 2.38
#